data_8S1M
#
_entry.id   8S1M
#
_cell.length_a   101.280
_cell.length_b   101.280
_cell.length_c   101.280
_cell.angle_alpha   90.000
_cell.angle_beta   90.000
_cell.angle_gamma   90.000
#
_symmetry.space_group_name_H-M   'I 2 3'
#
loop_
_entity.id
_entity.type
_entity.pdbx_description
1 polymer 'Epidermal growth factor receptor,Gamma-aminobutyric acid receptor-associated protein'
2 non-polymer 'CHLORIDE ION'
3 non-polymer GLYCEROL
4 water water
#
_entity_poly.entity_id   1
_entity_poly.type   'polypeptide(L)'
_entity_poly.pdbx_seq_one_letter_code
;GSALTEDSIDDTFLPVPEYINQSVPKGSMKFVYKEEHPFEKRRSEGEKIRKKYPDRVPVIVEKAPKARIGDLDKKKYLVP
SDLTVGQFYFLIRKRIHLRAEDALFFFVNNVIPPTSATMGQLYQEHHEEDFFLYIAYSDESVYGL
;
_entity_poly.pdbx_strand_id   A
#
# COMPACT_ATOMS: atom_id res chain seq x y z
N ILE A 9 1.16 29.45 3.81
CA ILE A 9 0.36 30.14 2.82
C ILE A 9 -0.55 31.17 3.50
N ASP A 10 -0.04 32.39 3.64
CA ASP A 10 -0.83 33.51 4.11
C ASP A 10 -0.64 34.72 3.19
N ASP A 11 0.52 34.78 2.54
CA ASP A 11 0.77 35.71 1.44
C ASP A 11 0.82 35.01 0.09
N THR A 12 0.77 33.68 0.08
CA THR A 12 0.78 32.89 -1.13
C THR A 12 -0.30 31.82 -1.04
N PHE A 13 -0.50 31.11 -2.14
CA PHE A 13 -1.52 30.06 -2.23
C PHE A 13 -0.89 28.69 -2.16
N LEU A 14 -1.49 27.81 -1.36
CA LEU A 14 -1.01 26.44 -1.24
C LEU A 14 -1.87 25.55 -2.14
N PRO A 15 -1.31 24.97 -3.20
CA PRO A 15 -2.11 24.15 -4.10
C PRO A 15 -2.27 22.72 -3.60
N VAL A 16 -3.29 22.07 -4.13
CA VAL A 16 -3.61 20.67 -3.83
C VAL A 16 -3.24 19.84 -5.05
N PRO A 17 -2.55 18.72 -4.89
CA PRO A 17 -2.21 17.88 -6.05
C PRO A 17 -3.45 17.31 -6.73
N GLU A 18 -3.22 16.70 -7.89
CA GLU A 18 -4.28 16.08 -8.68
C GLU A 18 -4.14 14.57 -8.61
N TYR A 19 -5.17 13.91 -8.09
CA TYR A 19 -5.24 12.45 -7.98
C TYR A 19 -4.08 11.85 -7.18
N ILE A 20 -3.47 12.65 -6.30
CA ILE A 20 -2.36 12.22 -5.48
C ILE A 20 -2.77 12.38 -4.02
N ASN A 21 -2.84 11.26 -3.29
CA ASN A 21 -3.22 11.24 -1.88
C ASN A 21 -4.62 11.83 -1.69
N GLN A 22 -5.59 11.23 -2.39
CA GLN A 22 -6.95 11.75 -2.44
C GLN A 22 -7.94 10.87 -1.68
N SER A 23 -8.04 9.59 -2.03
CA SER A 23 -8.91 8.64 -1.34
C SER A 23 -10.36 9.13 -1.34
N VAL A 24 -10.89 9.37 -2.54
CA VAL A 24 -12.27 9.80 -2.69
C VAL A 24 -13.21 8.63 -2.38
N PRO A 25 -13.06 7.45 -3.01
CA PRO A 25 -13.94 6.33 -2.65
C PRO A 25 -13.39 5.53 -1.48
N LYS A 26 -14.32 5.03 -0.65
CA LYS A 26 -14.02 4.17 0.49
C LYS A 26 -13.14 4.84 1.54
N GLY A 27 -12.68 6.07 1.27
CA GLY A 27 -11.75 6.73 2.17
C GLY A 27 -10.48 5.92 2.30
N SER A 28 -10.12 5.58 3.54
CA SER A 28 -9.11 4.55 3.75
C SER A 28 -9.73 3.19 3.43
N MET A 29 -9.04 2.42 2.58
CA MET A 29 -9.62 1.20 2.05
C MET A 29 -9.93 0.20 3.16
N LYS A 30 -10.86 -0.70 2.88
CA LYS A 30 -11.20 -1.77 3.81
C LYS A 30 -10.21 -2.91 3.66
N PHE A 31 -9.70 -3.41 4.80
CA PHE A 31 -8.70 -4.48 4.83
C PHE A 31 -9.05 -5.52 5.87
N VAL A 32 -8.92 -6.79 5.49
CA VAL A 32 -9.16 -7.88 6.43
C VAL A 32 -8.17 -7.82 7.58
N TYR A 33 -6.95 -7.36 7.33
CA TYR A 33 -5.96 -7.25 8.40
C TYR A 33 -6.44 -6.31 9.50
N LYS A 34 -7.08 -5.20 9.13
CA LYS A 34 -7.60 -4.27 10.13
C LYS A 34 -8.76 -4.88 10.91
N GLU A 35 -9.66 -5.59 10.24
CA GLU A 35 -10.79 -6.19 10.93
C GLU A 35 -10.33 -7.27 11.91
N GLU A 36 -9.24 -7.96 11.60
CA GLU A 36 -8.78 -9.07 12.42
C GLU A 36 -7.77 -8.67 13.49
N HIS A 37 -7.23 -7.45 13.43
CA HIS A 37 -6.29 -6.95 14.44
C HIS A 37 -6.82 -5.62 14.96
N PRO A 38 -7.05 -5.48 16.26
CA PRO A 38 -7.55 -4.20 16.78
C PRO A 38 -6.53 -3.08 16.60
N PHE A 39 -7.05 -1.85 16.58
CA PHE A 39 -6.25 -0.70 16.16
C PHE A 39 -5.06 -0.49 17.09
N GLU A 40 -5.28 -0.53 18.40
CA GLU A 40 -4.20 -0.20 19.32
C GLU A 40 -3.07 -1.21 19.26
N LYS A 41 -3.41 -2.48 19.02
CA LYS A 41 -2.37 -3.48 18.80
C LYS A 41 -1.57 -3.20 17.53
N ARG A 42 -2.26 -2.82 16.45
CA ARG A 42 -1.55 -2.48 15.21
C ARG A 42 -0.67 -1.24 15.40
N ARG A 43 -1.20 -0.21 16.05
CA ARG A 43 -0.44 1.03 16.19
C ARG A 43 0.80 0.82 17.05
N SER A 44 0.66 0.05 18.13
CA SER A 44 1.79 -0.24 19.00
C SER A 44 2.90 -0.97 18.25
N GLU A 45 2.53 -1.96 17.42
CA GLU A 45 3.54 -2.69 16.65
C GLU A 45 4.13 -1.82 15.55
N GLY A 46 3.31 -0.97 14.93
CA GLY A 46 3.83 -0.07 13.92
C GLY A 46 4.86 0.89 14.47
N GLU A 47 4.56 1.53 15.61
CA GLU A 47 5.54 2.42 16.23
C GLU A 47 6.84 1.70 16.54
N LYS A 48 6.75 0.54 17.19
CA LYS A 48 7.95 -0.19 17.55
C LYS A 48 8.74 -0.61 16.32
N ILE A 49 8.07 -1.03 15.25
CA ILE A 49 8.79 -1.53 14.09
C ILE A 49 9.46 -0.38 13.33
N ARG A 50 8.88 0.83 13.37
CA ARG A 50 9.53 1.97 12.74
C ARG A 50 10.80 2.37 13.46
N LYS A 51 10.83 2.21 14.79
CA LYS A 51 12.03 2.50 15.57
C LYS A 51 13.12 1.44 15.39
N LYS A 52 12.72 0.17 15.23
CA LYS A 52 13.71 -0.89 15.14
C LYS A 52 14.34 -0.96 13.75
N TYR A 53 13.55 -0.76 12.70
CA TYR A 53 14.04 -0.77 11.33
C TYR A 53 13.64 0.55 10.66
N PRO A 54 14.29 1.65 11.04
CA PRO A 54 13.88 2.96 10.49
C PRO A 54 14.09 3.10 9.00
N ASP A 55 15.01 2.33 8.42
CA ASP A 55 15.25 2.38 6.98
C ASP A 55 14.27 1.51 6.20
N ARG A 56 13.35 0.82 6.87
CA ARG A 56 12.34 0.00 6.22
C ARG A 56 10.96 0.49 6.62
N VAL A 57 9.97 0.25 5.75
CA VAL A 57 8.60 0.66 6.00
C VAL A 57 7.74 -0.59 6.10
N PRO A 58 6.85 -0.69 7.09
CA PRO A 58 5.97 -1.86 7.18
C PRO A 58 4.79 -1.73 6.22
N VAL A 59 4.58 -2.76 5.41
CA VAL A 59 3.55 -2.75 4.38
C VAL A 59 2.61 -3.93 4.62
N ILE A 60 1.31 -3.65 4.57
CA ILE A 60 0.27 -4.69 4.54
C ILE A 60 -0.20 -4.82 3.10
N VAL A 61 -0.15 -6.03 2.55
CA VAL A 61 -0.56 -6.29 1.17
C VAL A 61 -1.69 -7.32 1.20
N GLU A 62 -2.87 -6.94 0.69
CA GLU A 62 -4.01 -7.84 0.58
C GLU A 62 -4.67 -7.73 -0.79
N LYS A 63 -5.36 -8.80 -1.17
CA LYS A 63 -6.11 -8.82 -2.42
C LYS A 63 -7.29 -7.85 -2.35
N ALA A 64 -7.47 -7.07 -3.43
CA ALA A 64 -8.57 -6.12 -3.50
C ALA A 64 -9.91 -6.85 -3.64
N PRO A 65 -11.00 -6.17 -3.30
CA PRO A 65 -12.33 -6.79 -3.50
C PRO A 65 -12.57 -7.10 -4.97
N LYS A 66 -13.21 -8.24 -5.21
CA LYS A 66 -13.59 -8.77 -6.52
C LYS A 66 -12.38 -9.09 -7.41
N ALA A 67 -11.17 -9.00 -6.88
CA ALA A 67 -9.99 -9.36 -7.67
C ALA A 67 -9.99 -10.86 -7.97
N ARG A 68 -9.51 -11.20 -9.16
CA ARG A 68 -9.44 -12.57 -9.65
C ARG A 68 -7.97 -12.86 -9.91
N ILE A 69 -7.29 -13.35 -8.87
CA ILE A 69 -5.83 -13.44 -8.87
C ILE A 69 -5.44 -14.25 -7.64
N GLY A 70 -4.26 -14.87 -7.71
CA GLY A 70 -3.84 -15.75 -6.62
C GLY A 70 -3.69 -14.99 -5.32
N ASP A 71 -4.12 -15.63 -4.23
CA ASP A 71 -4.03 -15.02 -2.91
C ASP A 71 -2.59 -15.02 -2.42
N LEU A 72 -2.29 -14.09 -1.52
CA LEU A 72 -0.94 -13.94 -0.99
C LEU A 72 -0.83 -14.65 0.35
N ASP A 73 0.19 -15.49 0.48
CA ASP A 73 0.43 -16.25 1.70
C ASP A 73 0.69 -15.33 2.88
N LYS A 74 1.78 -14.56 2.80
CA LYS A 74 2.13 -13.59 3.82
C LYS A 74 1.66 -12.20 3.40
N LYS A 75 1.06 -11.47 4.34
CA LYS A 75 0.57 -10.13 4.03
C LYS A 75 1.39 -9.02 4.69
N LYS A 76 2.26 -9.33 5.65
CA LYS A 76 3.05 -8.34 6.37
C LYS A 76 4.47 -8.32 5.82
N TYR A 77 4.85 -7.22 5.17
CA TYR A 77 6.18 -7.05 4.61
C TYR A 77 6.91 -5.90 5.28
N LEU A 78 8.21 -6.06 5.47
CA LEU A 78 9.09 -4.98 5.94
C LEU A 78 10.01 -4.64 4.77
N VAL A 79 9.73 -3.52 4.12
CA VAL A 79 10.30 -3.20 2.82
C VAL A 79 11.30 -2.05 2.95
N PRO A 80 12.46 -2.14 2.30
CA PRO A 80 13.39 -0.99 2.30
C PRO A 80 12.75 0.24 1.68
N SER A 81 12.96 1.39 2.33
CA SER A 81 12.35 2.64 1.88
C SER A 81 12.80 3.02 0.48
N ASP A 82 14.01 2.60 0.09
CA ASP A 82 14.55 2.93 -1.22
C ASP A 82 13.94 2.07 -2.33
N LEU A 83 13.24 1.01 -1.98
CA LEU A 83 12.65 0.14 -2.98
C LEU A 83 11.53 0.86 -3.71
N THR A 84 11.49 0.70 -5.02
CA THR A 84 10.48 1.36 -5.83
C THR A 84 9.22 0.49 -5.95
N VAL A 85 8.15 1.11 -6.45
CA VAL A 85 6.92 0.38 -6.69
C VAL A 85 7.15 -0.73 -7.72
N GLY A 86 7.92 -0.42 -8.77
CA GLY A 86 8.16 -1.41 -9.81
C GLY A 86 8.84 -2.66 -9.29
N GLN A 87 9.84 -2.49 -8.43
CA GLN A 87 10.50 -3.63 -7.79
C GLN A 87 9.54 -4.38 -6.90
N PHE A 88 8.64 -3.67 -6.22
CA PHE A 88 7.63 -4.34 -5.44
C PHE A 88 6.67 -5.10 -6.33
N TYR A 89 6.30 -4.53 -7.48
CA TYR A 89 5.53 -5.29 -8.48
C TYR A 89 6.26 -6.58 -8.83
N PHE A 90 7.57 -6.48 -9.10
CA PHE A 90 8.38 -7.64 -9.44
C PHE A 90 8.33 -8.69 -8.33
N LEU A 91 8.47 -8.25 -7.07
CA LEU A 91 8.49 -9.19 -5.94
C LEU A 91 7.15 -9.89 -5.77
N ILE A 92 6.05 -9.13 -5.75
CA ILE A 92 4.72 -9.72 -5.57
C ILE A 92 4.37 -10.62 -6.74
N ARG A 93 4.77 -10.23 -7.94
CA ARG A 93 4.50 -11.03 -9.12
C ARG A 93 5.10 -12.43 -8.98
N LYS A 94 6.32 -12.52 -8.43
CA LYS A 94 6.96 -13.81 -8.28
C LYS A 94 6.28 -14.66 -7.21
N ARG A 95 5.88 -14.05 -6.10
CA ARG A 95 5.32 -14.81 -4.98
C ARG A 95 4.01 -15.51 -5.34
N ILE A 96 3.26 -15.00 -6.31
CA ILE A 96 2.02 -15.63 -6.70
C ILE A 96 2.13 -16.32 -8.05
N HIS A 97 3.36 -16.52 -8.55
CA HIS A 97 3.59 -17.26 -9.80
C HIS A 97 2.80 -16.65 -10.96
N LEU A 98 2.74 -15.32 -11.02
CA LEU A 98 1.98 -14.70 -12.10
C LEU A 98 2.59 -15.07 -13.45
N ARG A 99 1.72 -15.47 -14.38
CA ARG A 99 2.18 -15.77 -15.73
C ARG A 99 2.51 -14.47 -16.47
N ALA A 100 3.16 -14.63 -17.62
CA ALA A 100 3.66 -13.47 -18.35
C ALA A 100 2.52 -12.53 -18.76
N GLU A 101 1.38 -13.10 -19.13
CA GLU A 101 0.22 -12.34 -19.59
C GLU A 101 -0.72 -11.94 -18.45
N ASP A 102 -0.39 -12.26 -17.20
CA ASP A 102 -1.17 -11.79 -16.08
C ASP A 102 -0.78 -10.35 -15.74
N ALA A 103 -1.79 -9.50 -15.56
CA ALA A 103 -1.54 -8.14 -15.10
C ALA A 103 -1.54 -8.09 -13.58
N LEU A 104 -0.94 -7.02 -13.04
CA LEU A 104 -0.93 -6.81 -11.60
C LEU A 104 -1.00 -5.33 -11.32
N PHE A 105 -1.97 -4.89 -10.51
CA PHE A 105 -2.13 -3.48 -10.20
C PHE A 105 -2.17 -3.29 -8.69
N PHE A 106 -1.47 -2.27 -8.22
CA PHE A 106 -1.49 -1.84 -6.82
C PHE A 106 -2.43 -0.66 -6.64
N PHE A 107 -3.09 -0.62 -5.48
CA PHE A 107 -3.92 0.52 -5.09
C PHE A 107 -3.55 0.93 -3.67
N VAL A 108 -3.36 2.22 -3.47
CA VAL A 108 -3.16 2.79 -2.14
C VAL A 108 -4.22 3.87 -1.97
N ASN A 109 -5.18 3.64 -1.07
CA ASN A 109 -6.33 4.53 -0.91
C ASN A 109 -7.11 4.64 -2.22
N ASN A 110 -7.36 3.49 -2.85
CA ASN A 110 -8.13 3.38 -4.09
C ASN A 110 -7.48 4.15 -5.24
N VAL A 111 -6.16 4.28 -5.22
CA VAL A 111 -5.43 5.04 -6.22
C VAL A 111 -4.18 4.26 -6.60
N ILE A 112 -3.91 4.15 -7.90
CA ILE A 112 -2.72 3.45 -8.38
C ILE A 112 -1.51 4.33 -8.17
N PRO A 113 -0.51 3.87 -7.42
CA PRO A 113 0.68 4.72 -7.18
C PRO A 113 1.61 4.71 -8.38
N PRO A 114 2.41 5.75 -8.54
CA PRO A 114 3.33 5.79 -9.68
C PRO A 114 4.37 4.68 -9.55
N THR A 115 4.62 3.99 -10.65
CA THR A 115 5.52 2.85 -10.63
C THR A 115 6.94 3.28 -10.20
N SER A 116 7.31 4.52 -10.46
CA SER A 116 8.66 5.00 -10.15
C SER A 116 8.80 5.53 -8.74
N ALA A 117 7.74 5.58 -7.94
CA ALA A 117 7.84 6.07 -6.58
C ALA A 117 8.49 5.04 -5.67
N THR A 118 9.14 5.51 -4.62
CA THR A 118 9.70 4.60 -3.64
C THR A 118 8.66 4.25 -2.59
N MET A 119 8.89 3.14 -1.90
CA MET A 119 7.99 2.76 -0.81
C MET A 119 8.04 3.76 0.33
N GLY A 120 9.20 4.41 0.53
CA GLY A 120 9.27 5.47 1.54
C GLY A 120 8.40 6.67 1.20
N GLN A 121 8.40 7.08 -0.07
CA GLN A 121 7.54 8.18 -0.51
C GLN A 121 6.07 7.84 -0.29
N LEU A 122 5.64 6.64 -0.71
CA LEU A 122 4.27 6.22 -0.48
C LEU A 122 3.96 6.17 1.01
N TYR A 123 4.90 5.64 1.80
CA TYR A 123 4.71 5.61 3.24
C TYR A 123 4.44 7.01 3.79
N GLN A 124 5.31 7.97 3.45
CA GLN A 124 5.18 9.32 4.02
C GLN A 124 3.84 9.96 3.67
N GLU A 125 3.27 9.63 2.51
CA GLU A 125 2.05 10.30 2.05
C GLU A 125 0.80 9.56 2.46
N HIS A 126 0.88 8.24 2.60
CA HIS A 126 -0.32 7.40 2.73
C HIS A 126 -0.35 6.53 3.97
N HIS A 127 0.70 6.52 4.79
CA HIS A 127 0.67 5.66 5.96
C HIS A 127 -0.53 6.05 6.82
N GLU A 128 -1.13 5.05 7.46
CA GLU A 128 -2.26 5.29 8.32
C GLU A 128 -1.78 5.53 9.74
N GLU A 129 -2.74 5.77 10.64
CA GLU A 129 -2.47 6.11 12.03
C GLU A 129 -1.80 4.99 12.81
N ASP A 130 -1.78 3.76 12.31
CA ASP A 130 -1.06 2.68 12.97
C ASP A 130 0.37 2.53 12.48
N PHE A 131 0.84 3.50 11.68
CA PHE A 131 2.19 3.52 11.13
C PHE A 131 2.44 2.42 10.10
N PHE A 132 1.38 1.86 9.54
CA PHE A 132 1.50 0.89 8.45
C PHE A 132 1.07 1.52 7.13
N LEU A 133 1.70 1.05 6.04
CA LEU A 133 1.27 1.36 4.68
C LEU A 133 0.48 0.18 4.13
N TYR A 134 -0.73 0.43 3.66
CA TYR A 134 -1.64 -0.60 3.19
C TYR A 134 -1.75 -0.56 1.68
N ILE A 135 -1.48 -1.70 1.05
CA ILE A 135 -1.54 -1.82 -0.41
C ILE A 135 -2.47 -2.96 -0.77
N ALA A 136 -3.44 -2.68 -1.63
CA ALA A 136 -4.27 -3.71 -2.24
C ALA A 136 -3.74 -4.03 -3.64
N TYR A 137 -3.96 -5.26 -4.08
CA TYR A 137 -3.57 -5.63 -5.44
C TYR A 137 -4.73 -6.33 -6.14
N SER A 138 -4.69 -6.29 -7.47
CA SER A 138 -5.77 -6.83 -8.28
C SER A 138 -5.24 -7.18 -9.66
N ASP A 139 -6.02 -7.98 -10.39
CA ASP A 139 -5.82 -8.19 -11.83
C ASP A 139 -6.43 -7.07 -12.67
N GLU A 140 -7.27 -6.24 -12.09
CA GLU A 140 -7.95 -5.15 -12.81
C GLU A 140 -7.33 -3.81 -12.46
N SER A 141 -7.48 -2.85 -13.38
CA SER A 141 -6.88 -1.54 -13.16
C SER A 141 -7.78 -0.58 -12.40
N VAL A 142 -8.99 -0.99 -12.06
CA VAL A 142 -9.91 -0.17 -11.27
C VAL A 142 -10.20 -0.90 -9.97
N TYR A 143 -9.98 -0.22 -8.84
CA TYR A 143 -10.19 -0.87 -7.54
C TYR A 143 -11.64 -1.29 -7.39
N GLY A 144 -11.84 -2.50 -6.85
CA GLY A 144 -13.17 -2.99 -6.59
C GLY A 144 -13.92 -3.49 -7.80
N LEU A 145 -13.30 -3.51 -8.97
CA LEU A 145 -13.94 -4.03 -10.17
C LEU A 145 -13.54 -5.49 -10.40
#